data_9DZ1
# 
_entry.id   9DZ1 
# 
_audit_conform.dict_name       mmcif_pdbx.dic 
_audit_conform.dict_version    5.403 
_audit_conform.dict_location   http://mmcif.pdb.org/dictionaries/ascii/mmcif_pdbx.dic 
# 
loop_
_database_2.database_id 
_database_2.database_code 
_database_2.pdbx_database_accession 
_database_2.pdbx_DOI 
PDB   9DZ1         pdb_00009dz1 10.2210/pdb9dz1/pdb 
WWPDB D_1000289121 ?            ?                   
# 
loop_
_pdbx_audit_revision_history.ordinal 
_pdbx_audit_revision_history.data_content_type 
_pdbx_audit_revision_history.major_revision 
_pdbx_audit_revision_history.minor_revision 
_pdbx_audit_revision_history.revision_date 
_pdbx_audit_revision_history.part_number 
1 'Structure model' 1 0 2025-03-26 ? 
2 'Structure model' 1 1 2025-04-16 ? 
# 
_pdbx_audit_revision_details.ordinal             1 
_pdbx_audit_revision_details.revision_ordinal    1 
_pdbx_audit_revision_details.data_content_type   'Structure model' 
_pdbx_audit_revision_details.provider            repository 
_pdbx_audit_revision_details.type                'Initial release' 
_pdbx_audit_revision_details.description         ? 
_pdbx_audit_revision_details.details             ? 
# 
_pdbx_audit_revision_group.ordinal             1 
_pdbx_audit_revision_group.revision_ordinal    2 
_pdbx_audit_revision_group.data_content_type   'Structure model' 
_pdbx_audit_revision_group.group               'Database references' 
# 
loop_
_pdbx_audit_revision_category.ordinal 
_pdbx_audit_revision_category.revision_ordinal 
_pdbx_audit_revision_category.data_content_type 
_pdbx_audit_revision_category.category 
1 2 'Structure model' citation        
2 2 'Structure model' citation_author 
# 
loop_
_pdbx_audit_revision_item.ordinal 
_pdbx_audit_revision_item.revision_ordinal 
_pdbx_audit_revision_item.data_content_type 
_pdbx_audit_revision_item.item 
1 2 'Structure model' '_citation.journal_volume'          
2 2 'Structure model' '_citation.page_first'              
3 2 'Structure model' '_citation.page_last'               
4 2 'Structure model' '_citation_author.identifier_ORCID' 
# 
_pdbx_database_status.status_code                     REL 
_pdbx_database_status.status_code_sf                  REL 
_pdbx_database_status.status_code_mr                  ? 
_pdbx_database_status.entry_id                        9DZ1 
_pdbx_database_status.recvd_initial_deposition_date   2024-10-15 
_pdbx_database_status.SG_entry                        N 
_pdbx_database_status.deposit_site                    RCSB 
_pdbx_database_status.process_site                    RCSB 
_pdbx_database_status.status_code_cs                  ? 
_pdbx_database_status.status_code_nmr_data            ? 
_pdbx_database_status.methods_development_category    ? 
_pdbx_database_status.pdb_format_compatible           Y 
# 
_pdbx_contact_author.id                 2 
_pdbx_contact_author.email              jraskato@ucsc.edu 
_pdbx_contact_author.name_first         Jevgenij 
_pdbx_contact_author.name_last          Raskatov 
_pdbx_contact_author.name_mi            A 
_pdbx_contact_author.role               'principal investigator/group leader' 
_pdbx_contact_author.identifier_ORCID   0000-0002-0082-9113 
# 
loop_
_audit_author.name 
_audit_author.pdbx_ordinal 
_audit_author.identifier_ORCID 
'Sawaya, M.R.'   1 0000-0003-0874-9043 
'Raskatov, J.A.' 2 0000-0002-0082-9113 
'Hazari, A.'     3 0009-0005-2071-1322 
# 
_citation.abstract                  ? 
_citation.abstract_id_CAS           ? 
_citation.book_id_ISBN              ? 
_citation.book_publisher            ? 
_citation.book_publisher_city       ? 
_citation.book_title                ? 
_citation.coordinate_linkage        ? 
_citation.country                   UK 
_citation.database_id_Medline       ? 
_citation.details                   ? 
_citation.id                        primary 
_citation.journal_abbrev            'Chem Sci' 
_citation.journal_id_ASTM           ? 
_citation.journal_id_CSD            ? 
_citation.journal_id_ISSN           2041-6520 
_citation.journal_full              ? 
_citation.journal_issue             ? 
_citation.journal_volume            16 
_citation.language                  ? 
_citation.page_first                5907 
_citation.page_last                 5917 
_citation.title                     
;Formation of rippled beta-sheets from mixed chirality linear and cyclic peptides-new structural motifs based on the pauling-corey rippled beta-sheet.
;
_citation.year                      2025 
_citation.database_id_CSD           ? 
_citation.pdbx_database_id_DOI      10.1039/d4sc08079c 
_citation.pdbx_database_id_PubMed   40060095 
_citation.pdbx_database_id_patent   ? 
_citation.unpublished_flag          ? 
# 
loop_
_citation_author.citation_id 
_citation_author.name 
_citation_author.ordinal 
_citation_author.identifier_ORCID 
primary 'Hazari, A.'        1 ? 
primary 'Sawaya, M.R.'      2 ? 
primary 'Lee, H.'           3 ? 
primary 'Sajimon, M.'       4 ? 
primary 'Kim, H.'           5 ? 
primary 'Goddard Iii, W.A.' 6 ? 
primary 'Eisenberg, D.'     7 ? 
primary 'Raskatov, J.A.'    8 ? 
# 
loop_
_entity.id 
_entity.type 
_entity.src_method 
_entity.pdbx_description 
_entity.formula_weight 
_entity.pdbx_number_of_molecules 
_entity.pdbx_ec 
_entity.pdbx_mutation 
_entity.pdbx_fragment 
_entity.details 
1 polymer syn VVGGVVGG-cyclic 642.746 1 ? ? ? ? 
2 water   nat water           18.015  1 ? ? ? ? 
# 
_entity_poly.entity_id                      1 
_entity_poly.type                           'polypeptide(L)' 
_entity_poly.nstd_linkage                   no 
_entity_poly.nstd_monomer                   no 
_entity_poly.pdbx_seq_one_letter_code       VVGGVVGG 
_entity_poly.pdbx_seq_one_letter_code_can   VVGGVVGG 
_entity_poly.pdbx_strand_id                 A 
_entity_poly.pdbx_target_identifier         ? 
# 
_pdbx_entity_nonpoly.entity_id   2 
_pdbx_entity_nonpoly.name        water 
_pdbx_entity_nonpoly.comp_id     HOH 
# 
loop_
_entity_poly_seq.entity_id 
_entity_poly_seq.num 
_entity_poly_seq.mon_id 
_entity_poly_seq.hetero 
1 1 VAL n 
1 2 VAL n 
1 3 GLY n 
1 4 GLY n 
1 5 VAL n 
1 6 VAL n 
1 7 GLY n 
1 8 GLY n 
# 
_pdbx_entity_src_syn.entity_id              1 
_pdbx_entity_src_syn.pdbx_src_id            1 
_pdbx_entity_src_syn.pdbx_alt_source_flag   sample 
_pdbx_entity_src_syn.pdbx_beg_seq_num       1 
_pdbx_entity_src_syn.pdbx_end_seq_num       8 
_pdbx_entity_src_syn.organism_scientific    'synthetic construct' 
_pdbx_entity_src_syn.organism_common_name   ? 
_pdbx_entity_src_syn.ncbi_taxonomy_id       32630 
_pdbx_entity_src_syn.details                ? 
# 
loop_
_chem_comp.id 
_chem_comp.type 
_chem_comp.mon_nstd_flag 
_chem_comp.name 
_chem_comp.pdbx_synonyms 
_chem_comp.formula 
_chem_comp.formula_weight 
GLY 'peptide linking'   y GLYCINE ? 'C2 H5 N O2'  75.067  
HOH non-polymer         . WATER   ? 'H2 O'        18.015  
VAL 'L-peptide linking' y VALINE  ? 'C5 H11 N O2' 117.146 
# 
loop_
_pdbx_poly_seq_scheme.asym_id 
_pdbx_poly_seq_scheme.entity_id 
_pdbx_poly_seq_scheme.seq_id 
_pdbx_poly_seq_scheme.mon_id 
_pdbx_poly_seq_scheme.ndb_seq_num 
_pdbx_poly_seq_scheme.pdb_seq_num 
_pdbx_poly_seq_scheme.auth_seq_num 
_pdbx_poly_seq_scheme.pdb_mon_id 
_pdbx_poly_seq_scheme.auth_mon_id 
_pdbx_poly_seq_scheme.pdb_strand_id 
_pdbx_poly_seq_scheme.pdb_ins_code 
_pdbx_poly_seq_scheme.hetero 
A 1 1 VAL 1 1 1 VAL VAL A . n 
A 1 2 VAL 2 2 2 VAL VAL A . n 
A 1 3 GLY 3 3 3 GLY GLY A . n 
A 1 4 GLY 4 4 4 GLY GLY A . n 
A 1 5 VAL 5 5 5 VAL VAL A . n 
A 1 6 VAL 6 6 6 VAL VAL A . n 
A 1 7 GLY 7 7 7 GLY GLY A . n 
A 1 8 GLY 8 8 8 GLY GLY A . n 
# 
_pdbx_nonpoly_scheme.asym_id         B 
_pdbx_nonpoly_scheme.entity_id       2 
_pdbx_nonpoly_scheme.mon_id          HOH 
_pdbx_nonpoly_scheme.ndb_seq_num     1 
_pdbx_nonpoly_scheme.pdb_seq_num     101 
_pdbx_nonpoly_scheme.auth_seq_num    11 
_pdbx_nonpoly_scheme.pdb_mon_id      HOH 
_pdbx_nonpoly_scheme.auth_mon_id     HOH 
_pdbx_nonpoly_scheme.pdb_strand_id   A 
_pdbx_nonpoly_scheme.pdb_ins_code    . 
# 
loop_
_software.citation_id 
_software.classification 
_software.compiler_name 
_software.compiler_version 
_software.contact_author 
_software.contact_author_email 
_software.date 
_software.description 
_software.dependencies 
_software.hardware 
_software.language 
_software.location 
_software.mods 
_software.name 
_software.os 
_software.os_version 
_software.type 
_software.version 
_software.pdbx_ordinal 
? refinement       ? ? ? ? ? ? ? ? ? ? ? REFMAC ? ? ? 5.8.0267 1 
? 'data scaling'   ? ? ? ? ? ? ? ? ? ? ? XSCALE ? ? ? 20220820 2 
? 'data reduction' ? ? ? ? ? ? ? ? ? ? ? XDS    ? ? ? 20220820 3 
? phasing          ? ? ? ? ? ? ? ? ? ? ? SHELXT ? ? ? 2018/2   4 
# 
_cell.angle_alpha                  90.000 
_cell.angle_alpha_esd              ? 
_cell.angle_beta                   118.441 
_cell.angle_beta_esd               ? 
_cell.angle_gamma                  90.000 
_cell.angle_gamma_esd              ? 
_cell.entry_id                     9DZ1 
_cell.details                      ? 
_cell.formula_units_Z              ? 
_cell.length_a                     21.100 
_cell.length_a_esd                 ? 
_cell.length_b                     4.810 
_cell.length_b_esd                 ? 
_cell.length_c                     18.870 
_cell.length_c_esd                 ? 
_cell.volume                       ? 
_cell.volume_esd                   ? 
_cell.Z_PDB                        4 
_cell.reciprocal_angle_alpha       ? 
_cell.reciprocal_angle_beta        ? 
_cell.reciprocal_angle_gamma       ? 
_cell.reciprocal_angle_alpha_esd   ? 
_cell.reciprocal_angle_beta_esd    ? 
_cell.reciprocal_angle_gamma_esd   ? 
_cell.reciprocal_length_a          ? 
_cell.reciprocal_length_b          ? 
_cell.reciprocal_length_c          ? 
_cell.reciprocal_length_a_esd      ? 
_cell.reciprocal_length_b_esd      ? 
_cell.reciprocal_length_c_esd      ? 
_cell.pdbx_unique_axis             ? 
_cell.pdbx_esd_method              ? 
# 
_symmetry.entry_id                         9DZ1 
_symmetry.cell_setting                     ? 
_symmetry.Int_Tables_number                5 
_symmetry.space_group_name_Hall            ? 
_symmetry.space_group_name_H-M             'C 1 2 1' 
_symmetry.pdbx_full_space_group_name_H-M   ? 
# 
_exptl.absorpt_coefficient_mu     ? 
_exptl.absorpt_correction_T_max   ? 
_exptl.absorpt_correction_T_min   ? 
_exptl.absorpt_correction_type    ? 
_exptl.absorpt_process_details    ? 
_exptl.entry_id                   9DZ1 
_exptl.crystals_number            1 
_exptl.details                    ? 
_exptl.method                     'X-RAY DIFFRACTION' 
_exptl.method_details             ? 
# 
_exptl_crystal.colour                       ? 
_exptl_crystal.density_diffrn               ? 
_exptl_crystal.density_Matthews             ? 
_exptl_crystal.density_method               ? 
_exptl_crystal.density_percent_sol          ? 
_exptl_crystal.description                  ? 
_exptl_crystal.F_000                        ? 
_exptl_crystal.id                           1 
_exptl_crystal.preparation                  ? 
_exptl_crystal.size_max                     ? 
_exptl_crystal.size_mid                     ? 
_exptl_crystal.size_min                     ? 
_exptl_crystal.size_rad                     ? 
_exptl_crystal.colour_lustre                ? 
_exptl_crystal.colour_modifier              ? 
_exptl_crystal.colour_primary               ? 
_exptl_crystal.density_meas                 ? 
_exptl_crystal.density_meas_esd             ? 
_exptl_crystal.density_meas_gt              ? 
_exptl_crystal.density_meas_lt              ? 
_exptl_crystal.density_meas_temp            ? 
_exptl_crystal.density_meas_temp_esd        ? 
_exptl_crystal.density_meas_temp_gt         ? 
_exptl_crystal.density_meas_temp_lt         ? 
_exptl_crystal.pdbx_crystal_image_url       ? 
_exptl_crystal.pdbx_crystal_image_format    ? 
_exptl_crystal.pdbx_mosaicity               ? 
_exptl_crystal.pdbx_mosaicity_esd           ? 
_exptl_crystal.pdbx_mosaic_method           ? 
_exptl_crystal.pdbx_mosaic_block_size       ? 
_exptl_crystal.pdbx_mosaic_block_size_esd   ? 
# 
_exptl_crystal_grow.apparatus       ? 
_exptl_crystal_grow.atmosphere      ? 
_exptl_crystal_grow.crystal_id      1 
_exptl_crystal_grow.details         ? 
_exptl_crystal_grow.method          'BATCH MODE' 
_exptl_crystal_grow.method_ref      ? 
_exptl_crystal_grow.pH              ? 
_exptl_crystal_grow.pressure        ? 
_exptl_crystal_grow.pressure_esd    ? 
_exptl_crystal_grow.seeding         ? 
_exptl_crystal_grow.seeding_ref     ? 
_exptl_crystal_grow.temp_details    ? 
_exptl_crystal_grow.temp_esd        ? 
_exptl_crystal_grow.time            ? 
_exptl_crystal_grow.pdbx_details    'racemic peptide mixture, dimethylsulfoxide, and water' 
_exptl_crystal_grow.pdbx_pH_range   3-4 
_exptl_crystal_grow.temp            298 
# 
_diffrn.ambient_environment              ? 
_diffrn.ambient_temp                     100 
_diffrn.ambient_temp_details             ? 
_diffrn.ambient_temp_esd                 ? 
_diffrn.crystal_id                       1 
_diffrn.crystal_support                  ? 
_diffrn.crystal_treatment                ? 
_diffrn.details                          ? 
_diffrn.id                               1 
_diffrn.ambient_pressure                 ? 
_diffrn.ambient_pressure_esd             ? 
_diffrn.ambient_pressure_gt              ? 
_diffrn.ambient_pressure_lt              ? 
_diffrn.ambient_temp_gt                  ? 
_diffrn.ambient_temp_lt                  ? 
_diffrn.pdbx_serial_crystal_experiment   N 
# 
_diffrn_detector.details                      ? 
_diffrn_detector.detector                     PIXEL 
_diffrn_detector.diffrn_id                    1 
_diffrn_detector.type                         'DECTRIS EIGER X 16M' 
_diffrn_detector.area_resol_mean              ? 
_diffrn_detector.dtime                        ? 
_diffrn_detector.pdbx_frames_total            ? 
_diffrn_detector.pdbx_collection_time_total   ? 
_diffrn_detector.pdbx_collection_date         2023-03-31 
_diffrn_detector.pdbx_frequency               ? 
_diffrn_detector.id                           ? 
_diffrn_detector.number_of_axes               ? 
# 
_diffrn_radiation.collimation                      ? 
_diffrn_radiation.diffrn_id                        1 
_diffrn_radiation.filter_edge                      ? 
_diffrn_radiation.inhomogeneity                    ? 
_diffrn_radiation.monochromator                    ? 
_diffrn_radiation.polarisn_norm                    ? 
_diffrn_radiation.polarisn_ratio                   ? 
_diffrn_radiation.probe                            ? 
_diffrn_radiation.type                             ? 
_diffrn_radiation.xray_symbol                      ? 
_diffrn_radiation.wavelength_id                    1 
_diffrn_radiation.pdbx_monochromatic_or_laue_m_l   M 
_diffrn_radiation.pdbx_wavelength_list             ? 
_diffrn_radiation.pdbx_wavelength                  ? 
_diffrn_radiation.pdbx_diffrn_protocol             'SINGLE WAVELENGTH' 
_diffrn_radiation.pdbx_analyzer                    ? 
_diffrn_radiation.pdbx_scattering_type             x-ray 
# 
_diffrn_radiation_wavelength.id           1 
_diffrn_radiation_wavelength.wavelength   0.979180 
_diffrn_radiation_wavelength.wt           1.0 
# 
_diffrn_source.current                     ? 
_diffrn_source.details                     ? 
_diffrn_source.diffrn_id                   1 
_diffrn_source.power                       ? 
_diffrn_source.size                        ? 
_diffrn_source.source                      SYNCHROTRON 
_diffrn_source.target                      ? 
_diffrn_source.type                        'APS BEAMLINE 24-ID-E' 
_diffrn_source.voltage                     ? 
_diffrn_source.take-off_angle              ? 
_diffrn_source.pdbx_wavelength_list        0.979180 
_diffrn_source.pdbx_wavelength             ? 
_diffrn_source.pdbx_synchrotron_beamline   24-ID-E 
_diffrn_source.pdbx_synchrotron_site       APS 
# 
_reflns.B_iso_Wilson_estimate                          ? 
_reflns.entry_id                                       9DZ1 
_reflns.data_reduction_details                         ? 
_reflns.data_reduction_method                          ? 
_reflns.d_resolution_high                              1.1 
_reflns.d_resolution_low                               16.593 
_reflns.details                                        ? 
_reflns.limit_h_max                                    ? 
_reflns.limit_h_min                                    ? 
_reflns.limit_k_max                                    ? 
_reflns.limit_k_min                                    ? 
_reflns.limit_l_max                                    ? 
_reflns.limit_l_min                                    ? 
_reflns.number_all                                     ? 
_reflns.number_obs                                     656 
_reflns.observed_criterion                             ? 
_reflns.observed_criterion_F_max                       ? 
_reflns.observed_criterion_F_min                       ? 
_reflns.observed_criterion_I_max                       ? 
_reflns.observed_criterion_I_min                       ? 
_reflns.observed_criterion_sigma_F                     ? 
_reflns.observed_criterion_sigma_I                     ? 
_reflns.percent_possible_obs                           83.7 
_reflns.R_free_details                                 ? 
_reflns.Rmerge_F_all                                   ? 
_reflns.Rmerge_F_obs                                   ? 
_reflns.Friedel_coverage                               ? 
_reflns.number_gt                                      ? 
_reflns.threshold_expression                           ? 
_reflns.pdbx_redundancy                                5.6 
_reflns.pdbx_netI_over_av_sigmaI                       ? 
_reflns.pdbx_netI_over_sigmaI                          12.10 
_reflns.pdbx_res_netI_over_av_sigmaI_2                 ? 
_reflns.pdbx_res_netI_over_sigmaI_2                    ? 
_reflns.pdbx_chi_squared                               ? 
_reflns.pdbx_scaling_rejects                           ? 
_reflns.pdbx_d_res_high_opt                            ? 
_reflns.pdbx_d_res_low_opt                             ? 
_reflns.pdbx_d_res_opt_method                          ? 
_reflns.phase_calculation_details                      ? 
_reflns.pdbx_Rrim_I_all                                0.089 
_reflns.pdbx_Rpim_I_all                                ? 
_reflns.pdbx_d_opt                                     ? 
_reflns.pdbx_number_measured_all                       ? 
_reflns.pdbx_diffrn_id                                 1 
_reflns.pdbx_ordinal                                   1 
_reflns.pdbx_CC_half                                   0.996 
_reflns.pdbx_CC_star                                   ? 
_reflns.pdbx_R_split                                   ? 
_reflns.pdbx_Rmerge_I_obs                              0.079 
_reflns.pdbx_Rmerge_I_all                              ? 
_reflns.pdbx_Rsym_value                                ? 
_reflns.pdbx_CC_split_method                           ? 
_reflns.pdbx_aniso_diffraction_limit_axis_1_ortho[1]   ? 
_reflns.pdbx_aniso_diffraction_limit_axis_1_ortho[2]   ? 
_reflns.pdbx_aniso_diffraction_limit_axis_1_ortho[3]   ? 
_reflns.pdbx_aniso_diffraction_limit_axis_2_ortho[1]   ? 
_reflns.pdbx_aniso_diffraction_limit_axis_2_ortho[2]   ? 
_reflns.pdbx_aniso_diffraction_limit_axis_2_ortho[3]   ? 
_reflns.pdbx_aniso_diffraction_limit_axis_3_ortho[1]   ? 
_reflns.pdbx_aniso_diffraction_limit_axis_3_ortho[2]   ? 
_reflns.pdbx_aniso_diffraction_limit_axis_3_ortho[3]   ? 
_reflns.pdbx_aniso_diffraction_limit_1                 ? 
_reflns.pdbx_aniso_diffraction_limit_2                 ? 
_reflns.pdbx_aniso_diffraction_limit_3                 ? 
_reflns.pdbx_aniso_B_tensor_eigenvector_1_ortho[1]     ? 
_reflns.pdbx_aniso_B_tensor_eigenvector_1_ortho[2]     ? 
_reflns.pdbx_aniso_B_tensor_eigenvector_1_ortho[3]     ? 
_reflns.pdbx_aniso_B_tensor_eigenvector_2_ortho[1]     ? 
_reflns.pdbx_aniso_B_tensor_eigenvector_2_ortho[2]     ? 
_reflns.pdbx_aniso_B_tensor_eigenvector_2_ortho[3]     ? 
_reflns.pdbx_aniso_B_tensor_eigenvector_3_ortho[1]     ? 
_reflns.pdbx_aniso_B_tensor_eigenvector_3_ortho[2]     ? 
_reflns.pdbx_aniso_B_tensor_eigenvector_3_ortho[3]     ? 
_reflns.pdbx_aniso_B_tensor_eigenvalue_1               ? 
_reflns.pdbx_aniso_B_tensor_eigenvalue_2               ? 
_reflns.pdbx_aniso_B_tensor_eigenvalue_3               ? 
_reflns.pdbx_orthogonalization_convention              ? 
_reflns.pdbx_percent_possible_ellipsoidal              ? 
_reflns.pdbx_percent_possible_spherical                ? 
_reflns.pdbx_percent_possible_ellipsoidal_anomalous    ? 
_reflns.pdbx_percent_possible_spherical_anomalous      ? 
_reflns.pdbx_redundancy_anomalous                      ? 
_reflns.pdbx_CC_half_anomalous                         ? 
_reflns.pdbx_absDiff_over_sigma_anomalous              ? 
_reflns.pdbx_percent_possible_anomalous                ? 
_reflns.pdbx_observed_signal_threshold                 ? 
_reflns.pdbx_signal_type                               ? 
_reflns.pdbx_signal_details                            ? 
_reflns.pdbx_signal_software_id                        ? 
# 
loop_
_reflns_shell.d_res_high 
_reflns_shell.d_res_low 
_reflns_shell.meanI_over_sigI_all 
_reflns_shell.meanI_over_sigI_obs 
_reflns_shell.number_measured_all 
_reflns_shell.number_measured_obs 
_reflns_shell.number_possible 
_reflns_shell.number_unique_all 
_reflns_shell.number_unique_obs 
_reflns_shell.percent_possible_obs 
_reflns_shell.Rmerge_F_all 
_reflns_shell.Rmerge_F_obs 
_reflns_shell.meanI_over_sigI_gt 
_reflns_shell.meanI_over_uI_all 
_reflns_shell.meanI_over_uI_gt 
_reflns_shell.number_measured_gt 
_reflns_shell.number_unique_gt 
_reflns_shell.percent_possible_gt 
_reflns_shell.Rmerge_F_gt 
_reflns_shell.Rmerge_I_gt 
_reflns_shell.pdbx_redundancy 
_reflns_shell.pdbx_chi_squared 
_reflns_shell.pdbx_netI_over_sigmaI_all 
_reflns_shell.pdbx_netI_over_sigmaI_obs 
_reflns_shell.pdbx_Rrim_I_all 
_reflns_shell.pdbx_Rpim_I_all 
_reflns_shell.pdbx_rejects 
_reflns_shell.pdbx_ordinal 
_reflns_shell.pdbx_diffrn_id 
_reflns_shell.pdbx_CC_half 
_reflns_shell.pdbx_CC_star 
_reflns_shell.pdbx_R_split 
_reflns_shell.percent_possible_all 
_reflns_shell.Rmerge_I_all 
_reflns_shell.Rmerge_I_obs 
_reflns_shell.pdbx_Rsym_value 
_reflns_shell.pdbx_percent_possible_ellipsoidal 
_reflns_shell.pdbx_percent_possible_spherical 
_reflns_shell.pdbx_percent_possible_ellipsoidal_anomalous 
_reflns_shell.pdbx_percent_possible_spherical_anomalous 
_reflns_shell.pdbx_redundancy_anomalous 
_reflns_shell.pdbx_CC_half_anomalous 
_reflns_shell.pdbx_absDiff_over_sigma_anomalous 
_reflns_shell.pdbx_percent_possible_anomalous 
1.10 1.19   ? ? ? ? ? ? 73  ? ? ? ? ? ? ? ? ? ? ? ? ? ? ? 0.315 ? ? 1 1 0.96  ? ? ? ? 0.28  ? ? ? ? ? ? ? ? ? 
1.19 1.3    ? ? ? ? ? ? 124 ? ? ? ? ? ? ? ? ? ? ? ? ? ? ? 0.207 ? ? 2 1 0.985 ? ? ? ? 0.188 ? ? ? ? ? ? ? ? ? 
1.30 1.46   ? ? ? ? ? ? 122 ? ? ? ? ? ? ? ? ? ? ? ? ? ? ? 0.182 ? ? 3 1 0.982 ? ? ? ? 0.165 ? ? ? ? ? ? ? ? ? 
1.46 1.68   ? ? ? ? ? ? 116 ? ? ? ? ? ? ? ? ? ? ? ? ? ? ? 0.122 ? ? 4 1 0.988 ? ? ? ? 0.11  ? ? ? ? ? ? ? ? ? 
1.68 2.06   ? ? ? ? ? ? 96  ? ? ? ? ? ? ? ? ? ? ? ? ? ? ? 0.087 ? ? 5 1 0.997 ? ? ? ? 0.08  ? ? ? ? ? ? ? ? ? 
2.06 2.92   ? ? ? ? ? ? 76  ? ? ? ? ? ? ? ? ? ? ? ? ? ? ? 0.086 ? ? 6 1 0.993 ? ? ? ? 0.076 ? ? ? ? ? ? ? ? ? 
2.92 16.593 ? ? ? ? ? ? 49  ? ? ? ? ? ? ? ? ? ? ? ? ? ? ? 0.064 ? ? 7 1 0.995 ? ? ? ? 0.057 ? ? ? ? ? ? ? ? ? 
# 
_refine.aniso_B[1][1]                            0.098 
_refine.aniso_B[1][2]                            0.000 
_refine.aniso_B[1][3]                            -0.375 
_refine.aniso_B[2][2]                            0.498 
_refine.aniso_B[2][3]                            0.000 
_refine.aniso_B[3][3]                            -0.119 
_refine.B_iso_max                                ? 
_refine.B_iso_mean                               7.092 
_refine.B_iso_min                                ? 
_refine.correlation_coeff_Fo_to_Fc               0.985 
_refine.correlation_coeff_Fo_to_Fc_free          0.979 
_refine.details                                  'Hydrogens have been used if present in the input file' 
_refine.diff_density_max                         ? 
_refine.diff_density_max_esd                     ? 
_refine.diff_density_min                         ? 
_refine.diff_density_min_esd                     ? 
_refine.diff_density_rms                         ? 
_refine.diff_density_rms_esd                     ? 
_refine.entry_id                                 9DZ1 
_refine.pdbx_refine_id                           'X-RAY DIFFRACTION' 
_refine.ls_abs_structure_details                 ? 
_refine.ls_abs_structure_Flack                   ? 
_refine.ls_abs_structure_Flack_esd               ? 
_refine.ls_abs_structure_Rogers                  ? 
_refine.ls_abs_structure_Rogers_esd              ? 
_refine.ls_d_res_high                            1.102 
_refine.ls_d_res_low                             16.593 
_refine.ls_extinction_coef                       ? 
_refine.ls_extinction_coef_esd                   ? 
_refine.ls_extinction_expression                 ? 
_refine.ls_extinction_method                     ? 
_refine.ls_goodness_of_fit_all                   ? 
_refine.ls_goodness_of_fit_all_esd               ? 
_refine.ls_goodness_of_fit_obs                   ? 
_refine.ls_goodness_of_fit_obs_esd               ? 
_refine.ls_hydrogen_treatment                    ? 
_refine.ls_matrix_type                           ? 
_refine.ls_number_constraints                    ? 
_refine.ls_number_parameters                     ? 
_refine.ls_number_reflns_all                     ? 
_refine.ls_number_reflns_obs                     655 
_refine.ls_number_reflns_R_free                  66 
_refine.ls_number_reflns_R_work                  589 
_refine.ls_number_restraints                     ? 
_refine.ls_percent_reflns_obs                    83.974 
_refine.ls_percent_reflns_R_free                 10.076 
_refine.ls_R_factor_all                          0.136 
_refine.ls_R_factor_obs                          ? 
_refine.ls_R_factor_R_free                       0.1507 
_refine.ls_R_factor_R_free_error                 ? 
_refine.ls_R_factor_R_free_error_details         ? 
_refine.ls_R_factor_R_work                       0.1351 
_refine.ls_R_Fsqd_factor_obs                     ? 
_refine.ls_R_I_factor_obs                        ? 
_refine.ls_redundancy_reflns_all                 ? 
_refine.ls_redundancy_reflns_obs                 ? 
_refine.ls_restrained_S_all                      ? 
_refine.ls_restrained_S_obs                      ? 
_refine.ls_shift_over_esd_max                    ? 
_refine.ls_shift_over_esd_mean                   ? 
_refine.ls_structure_factor_coef                 ? 
_refine.ls_weighting_details                     ? 
_refine.ls_weighting_scheme                      ? 
_refine.ls_wR_factor_all                         ? 
_refine.ls_wR_factor_obs                         ? 
_refine.ls_wR_factor_R_free                      ? 
_refine.ls_wR_factor_R_work                      ? 
_refine.occupancy_max                            ? 
_refine.occupancy_min                            ? 
_refine.solvent_model_details                    'MASK BULK SOLVENT' 
_refine.solvent_model_param_bsol                 ? 
_refine.solvent_model_param_ksol                 ? 
_refine.pdbx_R_complete                          ? 
_refine.ls_R_factor_gt                           ? 
_refine.ls_goodness_of_fit_gt                    ? 
_refine.ls_goodness_of_fit_ref                   ? 
_refine.ls_shift_over_su_max                     ? 
_refine.ls_shift_over_su_max_lt                  ? 
_refine.ls_shift_over_su_mean                    ? 
_refine.ls_shift_over_su_mean_lt                 ? 
_refine.pdbx_ls_sigma_I                          ? 
_refine.pdbx_ls_sigma_F                          ? 
_refine.pdbx_ls_sigma_Fsqd                       ? 
_refine.pdbx_data_cutoff_high_absF               ? 
_refine.pdbx_data_cutoff_high_rms_absF           ? 
_refine.pdbx_data_cutoff_low_absF                ? 
_refine.pdbx_isotropic_thermal_model             ? 
_refine.pdbx_ls_cross_valid_method               'FREE R-VALUE' 
_refine.pdbx_method_to_determine_struct          'AB INITIO PHASING' 
_refine.pdbx_starting_model                      ? 
_refine.pdbx_stereochemistry_target_values       ? 
_refine.pdbx_R_Free_selection_details            ? 
_refine.pdbx_stereochem_target_val_spec_case     ? 
_refine.pdbx_overall_ESU_R                       0.084 
_refine.pdbx_overall_ESU_R_Free                  0.051 
_refine.pdbx_solvent_vdw_probe_radii             1.200 
_refine.pdbx_solvent_ion_probe_radii             0.800 
_refine.pdbx_solvent_shrinkage_radii             0.800 
_refine.pdbx_real_space_R                        ? 
_refine.pdbx_density_correlation                 ? 
_refine.pdbx_pd_number_of_powder_patterns        ? 
_refine.pdbx_pd_number_of_points                 ? 
_refine.pdbx_pd_meas_number_of_points            ? 
_refine.pdbx_pd_proc_ls_prof_R_factor            ? 
_refine.pdbx_pd_proc_ls_prof_wR_factor           ? 
_refine.pdbx_pd_Marquardt_correlation_coeff      ? 
_refine.pdbx_pd_Fsqrd_R_factor                   ? 
_refine.pdbx_pd_ls_matrix_band_width             ? 
_refine.pdbx_overall_phase_error                 ? 
_refine.pdbx_overall_SU_R_free_Cruickshank_DPI   ? 
_refine.pdbx_overall_SU_R_free_Blow_DPI          ? 
_refine.pdbx_overall_SU_R_Blow_DPI               ? 
_refine.pdbx_TLS_residual_ADP_flag               ? 
_refine.pdbx_diffrn_id                           1 
_refine.overall_SU_B                             2.603 
_refine.overall_SU_ML                            0.049 
_refine.overall_SU_R_Cruickshank_DPI             ? 
_refine.overall_SU_R_free                        ? 
_refine.overall_FOM_free_R_set                   ? 
_refine.overall_FOM_work_R_set                   ? 
_refine.pdbx_average_fsc_overall                 ? 
_refine.pdbx_average_fsc_work                    ? 
_refine.pdbx_average_fsc_free                    ? 
# 
_refine_hist.pdbx_refine_id                   'X-RAY DIFFRACTION' 
_refine_hist.cycle_id                         LAST 
_refine_hist.details                          ? 
_refine_hist.d_res_high                       1.102 
_refine_hist.d_res_low                        16.593 
_refine_hist.number_atoms_solvent             1 
_refine_hist.number_atoms_total               45 
_refine_hist.number_reflns_all                ? 
_refine_hist.number_reflns_obs                ? 
_refine_hist.number_reflns_R_free             ? 
_refine_hist.number_reflns_R_work             ? 
_refine_hist.R_factor_all                     ? 
_refine_hist.R_factor_obs                     ? 
_refine_hist.R_factor_R_free                  ? 
_refine_hist.R_factor_R_work                  ? 
_refine_hist.pdbx_number_residues_total       ? 
_refine_hist.pdbx_B_iso_mean_ligand           ? 
_refine_hist.pdbx_B_iso_mean_solvent          ? 
_refine_hist.pdbx_number_atoms_protein        44 
_refine_hist.pdbx_number_atoms_nucleic_acid   0 
_refine_hist.pdbx_number_atoms_ligand         0 
_refine_hist.pdbx_number_atoms_lipid          ? 
_refine_hist.pdbx_number_atoms_carb           ? 
_refine_hist.pdbx_pseudo_atom_details         ? 
# 
loop_
_refine_ls_restr.pdbx_refine_id 
_refine_ls_restr.criterion 
_refine_ls_restr.dev_ideal 
_refine_ls_restr.dev_ideal_target 
_refine_ls_restr.number 
_refine_ls_restr.rejects 
_refine_ls_restr.type 
_refine_ls_restr.weight 
_refine_ls_restr.pdbx_restraint_function 
'X-RAY DIFFRACTION' ? 0.008 0.011  44  ? r_bond_refined_d       ? ? 
'X-RAY DIFFRACTION' ? 0.001 0.017  48  ? r_bond_other_d         ? ? 
'X-RAY DIFFRACTION' ? 0.922 1.535  60  ? r_angle_refined_deg    ? ? 
'X-RAY DIFFRACTION' ? 0.240 1.539  108 ? r_angle_other_deg      ? ? 
'X-RAY DIFFRACTION' ? 2.739 5.000  8   ? r_dihedral_angle_1_deg ? ? 
'X-RAY DIFFRACTION' ? 4.702 15.000 4   ? r_dihedral_angle_3_deg ? ? 
'X-RAY DIFFRACTION' ? 0.047 0.200  4   ? r_chiral_restr         ? ? 
'X-RAY DIFFRACTION' ? 0.006 0.020  56  ? r_gen_planes_refined   ? ? 
'X-RAY DIFFRACTION' ? 0.000 0.020  8   ? r_gen_planes_other     ? ? 
'X-RAY DIFFRACTION' ? 1.222 0.667  32  ? r_mcbond_it            ? ? 
'X-RAY DIFFRACTION' ? 1.258 0.673  30  ? r_mcbond_other         ? ? 
'X-RAY DIFFRACTION' ? 1.224 0.992  40  ? r_mcangle_it           ? ? 
'X-RAY DIFFRACTION' ? 1.219 0.993  40  ? r_mcangle_other        ? ? 
'X-RAY DIFFRACTION' ? 1.021 0.691  12  ? r_scbond_it            ? ? 
'X-RAY DIFFRACTION' ? 0.981 0.683  13  ? r_scbond_other         ? ? 
'X-RAY DIFFRACTION' ? 1.357 1.039  20  ? r_scangle_it           ? ? 
'X-RAY DIFFRACTION' ? 1.325 1.033  21  ? r_scangle_other        ? ? 
'X-RAY DIFFRACTION' ? 1.106 1.840  12  ? r_lrange_it            ? ? 
'X-RAY DIFFRACTION' ? 1.396 3.000  92  ? r_rigid_bond_restr     ? ? 
# 
loop_
_refine_ls_shell.pdbx_refine_id 
_refine_ls_shell.d_res_high 
_refine_ls_shell.d_res_low 
_refine_ls_shell.number_reflns_all 
_refine_ls_shell.number_reflns_obs 
_refine_ls_shell.number_reflns_R_free 
_refine_ls_shell.number_reflns_R_work 
_refine_ls_shell.percent_reflns_obs 
_refine_ls_shell.percent_reflns_R_free 
_refine_ls_shell.R_factor_all 
_refine_ls_shell.R_factor_obs 
_refine_ls_shell.R_factor_R_free_error 
_refine_ls_shell.R_factor_R_work 
_refine_ls_shell.redundancy_reflns_all 
_refine_ls_shell.redundancy_reflns_obs 
_refine_ls_shell.wR_factor_all 
_refine_ls_shell.wR_factor_obs 
_refine_ls_shell.wR_factor_R_free 
_refine_ls_shell.wR_factor_R_work 
_refine_ls_shell.pdbx_R_complete 
_refine_ls_shell.pdbx_total_number_of_bins_used 
_refine_ls_shell.pdbx_phase_error 
_refine_ls_shell.pdbx_fsc_work 
_refine_ls_shell.pdbx_fsc_free 
_refine_ls_shell.R_factor_R_free 
'X-RAY DIFFRACTION' 1.102 1.232  220 . 12 104 52.7273 . 0.209 . . 0.198 . . . . . 0.187 . 5 . 0.912 0.854 0.342 
'X-RAY DIFFRACTION' 1.232 1.421  187 . 18 168 99.4652 . 0.196 . . 0.193 . . . . . 0.188 . 5 . 0.946 0.945 0.228 
'X-RAY DIFFRACTION' 1.421 1.737  157 . 15 134 94.9045 . 0.150 . . 0.142 . . . . . 0.152 . 5 . 0.972 0.924 0.239 
'X-RAY DIFFRACTION' 1.737 2.443  135 . 13 116 95.5556 . 0.137 . . 0.134 . . . . . 0.153 . 5 . 0.985 0.969 0.169 
'X-RAY DIFFRACTION' 2.443 16.593 81  . 8  67  92.5926 . 0.087 . . 0.092 . . . . . 0.131 . 5 . 0.993 0.998 0.036 
# 
_struct.entry_id                     9DZ1 
_struct.title                        'VVGGVVGG cyclic peptide' 
_struct.pdbx_model_details           ? 
_struct.pdbx_formula_weight          ? 
_struct.pdbx_formula_weight_method   ? 
_struct.pdbx_model_type_details      ? 
_struct.pdbx_CASP_flag               N 
# 
_struct_keywords.entry_id        9DZ1 
_struct_keywords.text            'enantiopure crystal grown from a racemic mixture of cyclic peptide, PROTEIN FIBRIL' 
_struct_keywords.pdbx_keywords   'PROTEIN FIBRIL' 
# 
loop_
_struct_asym.id 
_struct_asym.pdbx_blank_PDB_chainid_flag 
_struct_asym.pdbx_modified 
_struct_asym.entity_id 
_struct_asym.details 
A N N 1 ? 
B N N 2 ? 
# 
_struct_ref.id                         1 
_struct_ref.db_name                    PDB 
_struct_ref.db_code                    9DZ1 
_struct_ref.pdbx_db_accession          9DZ1 
_struct_ref.pdbx_db_isoform            ? 
_struct_ref.entity_id                  1 
_struct_ref.pdbx_seq_one_letter_code   ? 
_struct_ref.pdbx_align_begin           1 
# 
_struct_ref_seq.align_id                      1 
_struct_ref_seq.ref_id                        1 
_struct_ref_seq.pdbx_PDB_id_code              9DZ1 
_struct_ref_seq.pdbx_strand_id                A 
_struct_ref_seq.seq_align_beg                 1 
_struct_ref_seq.pdbx_seq_align_beg_ins_code   ? 
_struct_ref_seq.seq_align_end                 8 
_struct_ref_seq.pdbx_seq_align_end_ins_code   ? 
_struct_ref_seq.pdbx_db_accession             9DZ1 
_struct_ref_seq.db_align_beg                  1 
_struct_ref_seq.pdbx_db_align_beg_ins_code    ? 
_struct_ref_seq.db_align_end                  8 
_struct_ref_seq.pdbx_db_align_end_ins_code    ? 
_struct_ref_seq.pdbx_auth_seq_align_beg       1 
_struct_ref_seq.pdbx_auth_seq_align_end       8 
# 
_pdbx_struct_assembly.id                   1 
_pdbx_struct_assembly.details              author_defined_assembly 
_pdbx_struct_assembly.method_details       ? 
_pdbx_struct_assembly.oligomeric_details   tetrameric 
_pdbx_struct_assembly.oligomeric_count     4 
# 
loop_
_pdbx_struct_assembly_gen.assembly_id 
_pdbx_struct_assembly_gen.oper_expression 
_pdbx_struct_assembly_gen.asym_id_list 
1 1 A,B 
1 2 A,B 
1 3 A,B 
1 4 A,B 
# 
_pdbx_struct_assembly_auth_evidence.id                     1 
_pdbx_struct_assembly_auth_evidence.assembly_id            1 
_pdbx_struct_assembly_auth_evidence.experimental_support   none 
_pdbx_struct_assembly_auth_evidence.details                ? 
# 
loop_
_pdbx_struct_oper_list.id 
_pdbx_struct_oper_list.type 
_pdbx_struct_oper_list.name 
_pdbx_struct_oper_list.symmetry_operation 
_pdbx_struct_oper_list.matrix[1][1] 
_pdbx_struct_oper_list.matrix[1][2] 
_pdbx_struct_oper_list.matrix[1][3] 
_pdbx_struct_oper_list.vector[1] 
_pdbx_struct_oper_list.matrix[2][1] 
_pdbx_struct_oper_list.matrix[2][2] 
_pdbx_struct_oper_list.matrix[2][3] 
_pdbx_struct_oper_list.vector[2] 
_pdbx_struct_oper_list.matrix[3][1] 
_pdbx_struct_oper_list.matrix[3][2] 
_pdbx_struct_oper_list.matrix[3][3] 
_pdbx_struct_oper_list.vector[3] 
1 'identity operation'         1_555 x,y,z   1.0000000000 0.0000000000 0.0000000000 0.0000000000  0.0000000000 1.0000000000 0.0000000000 0.0000000000  0.0000000000 0.0000000000 1.0000000000 0.0000000000  
2 'crystal symmetry operation' 1_545 x,y-1,z 1.0000000000 0.0000000000 0.0000000000 -3.5790616249 0.0000000000 1.0000000000 0.0000000000 0.7657731468  0.0000000000 0.0000000000 1.0000000000 -3.1208988085 
3 'crystal symmetry operation' 1_565 x,y+1,z 1.0000000000 0.0000000000 0.0000000000 3.5790616249  0.0000000000 1.0000000000 0.0000000000 -0.7657731468 0.0000000000 0.0000000000 1.0000000000 3.1208988085  
4 'crystal symmetry operation' 1_535 x,y-2,z 1.0000000000 0.0000000000 0.0000000000 -7.1581232498 0.0000000000 1.0000000000 0.0000000000 1.5315462935  0.0000000000 0.0000000000 1.0000000000 -6.2417976170 
# 
_struct_conn.id                            covale1 
_struct_conn.conn_type_id                  covale 
_struct_conn.pdbx_leaving_atom_flag        both 
_struct_conn.pdbx_PDB_id                   ? 
_struct_conn.ptnr1_label_asym_id           A 
_struct_conn.ptnr1_label_comp_id           VAL 
_struct_conn.ptnr1_label_seq_id            1 
_struct_conn.ptnr1_label_atom_id           N 
_struct_conn.pdbx_ptnr1_label_alt_id       ? 
_struct_conn.pdbx_ptnr1_PDB_ins_code       ? 
_struct_conn.pdbx_ptnr1_standard_comp_id   ? 
_struct_conn.ptnr1_symmetry                1_555 
_struct_conn.ptnr2_label_asym_id           A 
_struct_conn.ptnr2_label_comp_id           GLY 
_struct_conn.ptnr2_label_seq_id            8 
_struct_conn.ptnr2_label_atom_id           C 
_struct_conn.pdbx_ptnr2_label_alt_id       ? 
_struct_conn.pdbx_ptnr2_PDB_ins_code       ? 
_struct_conn.ptnr1_auth_asym_id            A 
_struct_conn.ptnr1_auth_comp_id            VAL 
_struct_conn.ptnr1_auth_seq_id             1 
_struct_conn.ptnr2_auth_asym_id            A 
_struct_conn.ptnr2_auth_comp_id            GLY 
_struct_conn.ptnr2_auth_seq_id             8 
_struct_conn.ptnr2_symmetry                1_555 
_struct_conn.pdbx_ptnr3_label_atom_id      ? 
_struct_conn.pdbx_ptnr3_label_seq_id       ? 
_struct_conn.pdbx_ptnr3_label_comp_id      ? 
_struct_conn.pdbx_ptnr3_label_asym_id      ? 
_struct_conn.pdbx_ptnr3_label_alt_id       ? 
_struct_conn.pdbx_ptnr3_PDB_ins_code       ? 
_struct_conn.details                       ? 
_struct_conn.pdbx_dist_value               1.338 
_struct_conn.pdbx_value_order              ? 
_struct_conn.pdbx_role                     ? 
# 
_struct_conn_type.id          covale 
_struct_conn_type.criteria    ? 
_struct_conn_type.reference   ? 
# 
_pdbx_modification_feature.ordinal                            1 
_pdbx_modification_feature.label_comp_id                      VAL 
_pdbx_modification_feature.label_asym_id                      A 
_pdbx_modification_feature.label_seq_id                       1 
_pdbx_modification_feature.label_alt_id                       ? 
_pdbx_modification_feature.modified_residue_label_comp_id     GLY 
_pdbx_modification_feature.modified_residue_label_asym_id     A 
_pdbx_modification_feature.modified_residue_label_seq_id      8 
_pdbx_modification_feature.modified_residue_label_alt_id      ? 
_pdbx_modification_feature.auth_comp_id                       VAL 
_pdbx_modification_feature.auth_asym_id                       A 
_pdbx_modification_feature.auth_seq_id                        1 
_pdbx_modification_feature.PDB_ins_code                       ? 
_pdbx_modification_feature.symmetry                           1_555 
_pdbx_modification_feature.modified_residue_auth_comp_id      GLY 
_pdbx_modification_feature.modified_residue_auth_asym_id      A 
_pdbx_modification_feature.modified_residue_auth_seq_id       8 
_pdbx_modification_feature.modified_residue_PDB_ins_code      ? 
_pdbx_modification_feature.modified_residue_symmetry          1_555 
_pdbx_modification_feature.comp_id_linking_atom               N 
_pdbx_modification_feature.modified_residue_id_linking_atom   C 
_pdbx_modification_feature.modified_residue_id                . 
_pdbx_modification_feature.ref_pcm_id                         . 
_pdbx_modification_feature.ref_comp_id                        . 
_pdbx_modification_feature.type                               None 
_pdbx_modification_feature.category                           'Non-standard linkage' 
# 
_pdbx_entry_details.entry_id                   9DZ1 
_pdbx_entry_details.compound_details           ? 
_pdbx_entry_details.source_details             ? 
_pdbx_entry_details.nonpolymer_details         ? 
_pdbx_entry_details.sequence_details           ? 
_pdbx_entry_details.has_ligand_of_interest     ? 
_pdbx_entry_details.has_protein_modification   Y 
# 
_pdbx_validate_torsion.id              1 
_pdbx_validate_torsion.PDB_model_num   1 
_pdbx_validate_torsion.auth_comp_id    VAL 
_pdbx_validate_torsion.auth_asym_id    A 
_pdbx_validate_torsion.auth_seq_id     5 
_pdbx_validate_torsion.PDB_ins_code    ? 
_pdbx_validate_torsion.label_alt_id    ? 
_pdbx_validate_torsion.phi             -135.30 
_pdbx_validate_torsion.psi             -50.84 
# 
loop_
_chem_comp_atom.comp_id 
_chem_comp_atom.atom_id 
_chem_comp_atom.type_symbol 
_chem_comp_atom.pdbx_aromatic_flag 
_chem_comp_atom.pdbx_stereo_config 
_chem_comp_atom.pdbx_ordinal 
GLY N    N N N 1  
GLY CA   C N N 2  
GLY C    C N N 3  
GLY O    O N N 4  
GLY OXT  O N N 5  
GLY H    H N N 6  
GLY H2   H N N 7  
GLY HA2  H N N 8  
GLY HA3  H N N 9  
GLY HXT  H N N 10 
HOH O    O N N 11 
HOH H1   H N N 12 
HOH H2   H N N 13 
VAL N    N N N 14 
VAL CA   C N S 15 
VAL C    C N N 16 
VAL O    O N N 17 
VAL CB   C N N 18 
VAL CG1  C N N 19 
VAL CG2  C N N 20 
VAL OXT  O N N 21 
VAL H    H N N 22 
VAL H2   H N N 23 
VAL HA   H N N 24 
VAL HB   H N N 25 
VAL HG11 H N N 26 
VAL HG12 H N N 27 
VAL HG13 H N N 28 
VAL HG21 H N N 29 
VAL HG22 H N N 30 
VAL HG23 H N N 31 
VAL HXT  H N N 32 
# 
loop_
_chem_comp_bond.comp_id 
_chem_comp_bond.atom_id_1 
_chem_comp_bond.atom_id_2 
_chem_comp_bond.value_order 
_chem_comp_bond.pdbx_aromatic_flag 
_chem_comp_bond.pdbx_stereo_config 
_chem_comp_bond.pdbx_ordinal 
GLY N   CA   sing N N 1  
GLY N   H    sing N N 2  
GLY N   H2   sing N N 3  
GLY CA  C    sing N N 4  
GLY CA  HA2  sing N N 5  
GLY CA  HA3  sing N N 6  
GLY C   O    doub N N 7  
GLY C   OXT  sing N N 8  
GLY OXT HXT  sing N N 9  
HOH O   H1   sing N N 10 
HOH O   H2   sing N N 11 
VAL N   CA   sing N N 12 
VAL N   H    sing N N 13 
VAL N   H2   sing N N 14 
VAL CA  C    sing N N 15 
VAL CA  CB   sing N N 16 
VAL CA  HA   sing N N 17 
VAL C   O    doub N N 18 
VAL C   OXT  sing N N 19 
VAL CB  CG1  sing N N 20 
VAL CB  CG2  sing N N 21 
VAL CB  HB   sing N N 22 
VAL CG1 HG11 sing N N 23 
VAL CG1 HG12 sing N N 24 
VAL CG1 HG13 sing N N 25 
VAL CG2 HG21 sing N N 26 
VAL CG2 HG22 sing N N 27 
VAL CG2 HG23 sing N N 28 
VAL OXT HXT  sing N N 29 
# 
loop_
_pdbx_audit_support.funding_organization 
_pdbx_audit_support.country 
_pdbx_audit_support.grant_number 
_pdbx_audit_support.ordinal 
'National Institutes of Health/National Institute on Aging (NIH/NIA)' 'United States' R01AG070895 1 
'National Institutes of Health/National Institute on Aging (NIH/NIA)' 'United States' R01AG048120 2 
'National Institutes of Health/National Institute on Aging (NIH/NIA)' 'United States' R01AG074954 3 
# 
_atom_sites.entry_id                    9DZ1 
_atom_sites.Cartn_transf_matrix[1][1]   ? 
_atom_sites.Cartn_transf_matrix[1][2]   ? 
_atom_sites.Cartn_transf_matrix[1][3]   ? 
_atom_sites.Cartn_transf_matrix[2][1]   ? 
_atom_sites.Cartn_transf_matrix[2][2]   ? 
_atom_sites.Cartn_transf_matrix[2][3]   ? 
_atom_sites.Cartn_transf_matrix[3][1]   ? 
_atom_sites.Cartn_transf_matrix[3][2]   ? 
_atom_sites.Cartn_transf_matrix[3][3]   ? 
_atom_sites.Cartn_transf_vector[1]      ? 
_atom_sites.Cartn_transf_vector[2]      ? 
_atom_sites.Cartn_transf_vector[3]      ? 
_atom_sites.Cartn_transform_axes        ? 
_atom_sites.fract_transf_matrix[1][1]   -0.01563474 
_atom_sites.fract_transf_matrix[1][2]   0.04300389 
_atom_sites.fract_transf_matrix[1][3]   0.02848183 
_atom_sites.fract_transf_matrix[2][1]   0.15469582 
_atom_sites.fract_transf_matrix[2][2]   -0.03309859 
_atom_sites.fract_transf_matrix[2][3]   0.13489290 
_atom_sites.fract_transf_matrix[3][1]   0.02356687 
_atom_sites.fract_transf_matrix[3][2]   0.05371307 
_atom_sites.fract_transf_matrix[3][3]   -0.01384706 
_atom_sites.fract_transf_vector[1]      0.499989 
_atom_sites.fract_transf_vector[2]      0.656262 
_atom_sites.fract_transf_vector[3]      0.499644 
_atom_sites.solution_primary            ? 
_atom_sites.solution_secondary          ? 
_atom_sites.solution_hydrogens          ? 
_atom_sites.special_details             ? 
# 
loop_
_atom_type.symbol 
_atom_type.pdbx_scat_Z 
_atom_type.pdbx_N_electrons 
_atom_type.scat_Cromer_Mann_a1 
_atom_type.scat_Cromer_Mann_b1 
_atom_type.scat_Cromer_Mann_a2 
_atom_type.scat_Cromer_Mann_b2 
_atom_type.scat_Cromer_Mann_a3 
_atom_type.scat_Cromer_Mann_b3 
_atom_type.scat_Cromer_Mann_a4 
_atom_type.scat_Cromer_Mann_b4 
C 6 6 2.310  20.844 1.020 10.208 1.589 0.569  0.865 51.651 
H 1 1 0.493  10.511 0.323 26.126 0.140 3.142  0.041 57.800 
N 7 7 12.222 0.006  3.135 9.893  2.014 28.997 1.167 0.583  
O 8 8 3.049  13.277 2.287 5.701  1.546 0.324  0.867 32.909 
# 
loop_
_atom_site.group_PDB 
_atom_site.id 
_atom_site.type_symbol 
_atom_site.label_atom_id 
_atom_site.label_alt_id 
_atom_site.label_comp_id 
_atom_site.label_asym_id 
_atom_site.label_entity_id 
_atom_site.label_seq_id 
_atom_site.pdbx_PDB_ins_code 
_atom_site.Cartn_x 
_atom_site.Cartn_y 
_atom_site.Cartn_z 
_atom_site.occupancy 
_atom_site.B_iso_or_equiv 
_atom_site.pdbx_formal_charge 
_atom_site.auth_seq_id 
_atom_site.auth_comp_id 
_atom_site.auth_asym_id 
_atom_site.auth_atom_id 
_atom_site.pdbx_PDB_model_num 
_atom_site.calc_flag 
ATOM   1  N N    . VAL A 1 1 ? 0.061  3.677  1.488  0.500 5.841  0 1   VAL A N    1 ? 
ATOM   2  C CA   . VAL A 1 1 ? -0.234 4.843  0.679  0.500 5.869  0 1   VAL A CA   1 ? 
ATOM   3  C C    . VAL A 1 1 ? 0.265  4.658  -0.752 0.500 8.123  0 1   VAL A C    1 ? 
ATOM   4  O O    . VAL A 1 1 ? -0.473 4.921  -1.711 0.500 11.306 0 1   VAL A O    1 ? 
ATOM   5  C CB   . VAL A 1 1 ? 0.355  6.117  1.315  0.500 7.031  0 1   VAL A CB   1 ? 
ATOM   6  C CG1  . VAL A 1 1 ? 0.053  7.344  0.487  0.500 8.791  0 1   VAL A CG1  1 ? 
ATOM   7  C CG2  . VAL A 1 1 ? -0.115 6.310  2.759  0.500 7.111  0 1   VAL A CG2  1 ? 
ATOM   8  H H1   . VAL A 1 1 ? 0.976  3.256  1.425  0.500 5.915  0 1   VAL A H1   1 c 
ATOM   9  H HA   . VAL A 1 1 ? -1.203 4.944  0.647  0.500 6.176  0 1   VAL A HA   1 c 
ATOM   10 H HB   . VAL A 1 1 ? 1.337  6.005  1.334  0.500 7.054  0 1   VAL A HB   1 c 
ATOM   11 H HG11 . VAL A 1 1 ? 0.432  7.237  -0.402 0.500 8.387  0 1   VAL A HG11 1 c 
ATOM   12 H HG12 . VAL A 1 1 ? 0.442  8.127  0.913  0.500 8.488  0 1   VAL A HG12 1 c 
ATOM   13 H HG13 . VAL A 1 1 ? -0.911 7.458  0.416  0.500 8.643  0 1   VAL A HG13 1 c 
ATOM   14 H HG21 . VAL A 1 1 ? -1.085 6.393  2.778  0.500 7.136  0 1   VAL A HG21 1 c 
ATOM   15 H HG22 . VAL A 1 1 ? 0.287  7.116  3.127  0.500 7.025  0 1   VAL A HG22 1 c 
ATOM   16 H HG23 . VAL A 1 1 ? 0.154  5.542  3.294  0.500 7.226  0 1   VAL A HG23 1 c 
ATOM   17 N N    . VAL A 1 2 ? 1.529  4.278  -0.902 0.500 7.847  0 2   VAL A N    1 ? 
ATOM   18 C CA   . VAL A 1 2 ? 2.117  4.104  -2.230 0.500 6.117  0 2   VAL A CA   1 ? 
ATOM   19 C C    . VAL A 1 2 ? 2.738  2.712  -2.327 0.500 6.917  0 2   VAL A C    1 ? 
ATOM   20 O O    . VAL A 1 2 ? 3.660  2.329  -1.587 0.500 8.014  0 2   VAL A O    1 ? 
ATOM   21 C CB   . VAL A 1 2 ? 3.176  5.166  -2.559 0.500 6.817  0 2   VAL A CB   1 ? 
ATOM   22 C CG1  . VAL A 1 2 ? 3.795  4.964  -3.940 0.500 7.035  0 2   VAL A CG1  1 ? 
ATOM   23 C CG2  . VAL A 1 2 ? 2.630  6.563  -2.425 0.500 6.114  0 2   VAL A CG2  1 ? 
ATOM   24 H H    . VAL A 1 2 ? 2.099  4.107  -0.086 0.500 8.201  0 2   VAL A H    1 c 
ATOM   25 H HA   . VAL A 1 2 ? 1.402  4.167  -2.891 0.500 6.154  0 2   VAL A HA   1 c 
ATOM   26 H HB   . VAL A 1 2 ? 3.900  5.068  -1.893 0.500 6.783  0 2   VAL A HB   1 c 
ATOM   27 H HG11 . VAL A 1 2 ? 4.208  4.085  -3.985 0.500 7.020  0 2   VAL A HG11 1 c 
ATOM   28 H HG12 . VAL A 1 2 ? 4.471  5.646  -4.095 0.500 7.058  0 2   VAL A HG12 1 c 
ATOM   29 H HG13 . VAL A 1 2 ? 3.104  5.034  -4.621 0.500 6.979  0 2   VAL A HG13 1 c 
ATOM   30 H HG21 . VAL A 1 2 ? 1.894  6.685  -3.051 0.500 6.268  0 2   VAL A HG21 1 c 
ATOM   31 H HG22 . VAL A 1 2 ? 3.331  7.207  -2.622 0.500 6.197  0 2   VAL A HG22 1 c 
ATOM   32 H HG23 . VAL A 1 2 ? 2.308  6.700  -1.518 0.500 6.220  0 2   VAL A HG23 1 c 
ATOM   33 N N    . GLY A 1 3 ? 2.243  1.958  -3.284 0.500 6.481  0 3   GLY A N    1 ? 
ATOM   34 C CA   . GLY A 1 3 ? 2.700  0.606  -3.536 0.500 5.862  0 3   GLY A CA   1 ? 
ATOM   35 C C    . GLY A 1 3 ? 2.175  -0.363 -2.486 0.500 7.077  0 3   GLY A C    1 ? 
ATOM   36 O O    . GLY A 1 3 ? 1.064  -0.212 -1.993 0.500 6.720  0 3   GLY A O    1 ? 
ATOM   37 H H    . GLY A 1 3 ? 1.509  2.334  -3.868 0.500 6.270  0 3   GLY A H    1 c 
ATOM   38 H HA2  . GLY A 1 3 ? 2.392  0.321  -4.433 0.500 6.037  0 3   GLY A HA2  1 c 
ATOM   39 H HA3  . GLY A 1 3 ? 3.691  0.594  -3.530 0.500 5.932  0 3   GLY A HA3  1 c 
ATOM   40 N N    . GLY A 1 4 ? 2.969  -1.385 -2.173 0.500 6.403  0 4   GLY A N    1 ? 
ATOM   41 C CA   . GLY A 1 4 ? 2.527  -2.422 -1.257 0.500 5.959  0 4   GLY A CA   1 ? 
ATOM   42 C C    . GLY A 1 4 ? 1.393  -3.259 -1.839 0.500 6.592  0 4   GLY A C    1 ? 
ATOM   43 O O    . GLY A 1 4 ? 1.278  -3.431 -3.054 0.500 5.234  0 4   GLY A O    1 ? 
ATOM   44 H H    . GLY A 1 4 ? 3.893  -1.445 -2.577 0.500 6.347  0 4   GLY A H    1 c 
ATOM   45 H HA2  . GLY A 1 4 ? 3.294  -3.013 -1.046 0.500 6.171  0 4   GLY A HA2  1 c 
ATOM   46 H HA3  . GLY A 1 4 ? 2.224  -2.000 -0.414 0.500 6.103  0 4   GLY A HA3  1 c 
ATOM   47 N N    . VAL A 1 5 ? 0.557  -3.804 -0.945 0.500 6.088  0 5   VAL A N    1 ? 
ATOM   48 C CA   . VAL A 1 5 ? -0.530 -4.673 -1.354 0.500 6.245  0 5   VAL A CA   1 ? 
ATOM   49 C C    . VAL A 1 5 ? -1.828 -4.324 -0.625 0.500 8.726  0 5   VAL A C    1 ? 
ATOM   50 O O    . VAL A 1 5 ? -2.890 -4.214 -1.255 0.500 11.062 0 5   VAL A O    1 ? 
ATOM   51 C CB   . VAL A 1 5 ? -0.155 -6.153 -1.144 0.500 7.185  0 5   VAL A CB   1 ? 
ATOM   52 C CG1  . VAL A 1 5 ? -1.270 -7.077 -1.572 0.500 8.919  0 5   VAL A CG1  1 ? 
ATOM   53 C CG2  . VAL A 1 5 ? 1.153  -6.523 -1.850 0.500 7.144  0 5   VAL A CG2  1 ? 
ATOM   54 H H    . VAL A 1 5 ? 0.683  -3.608 0.038  0.500 6.115  0 5   VAL A H    1 c 
ATOM   55 H HA   . VAL A 1 5 ? -0.676 -4.534 -2.306 0.500 6.600  0 5   VAL A HA   1 c 
ATOM   56 H HB   . VAL A 1 5 ? -0.016 -6.283 -0.173 0.500 7.196  0 5   VAL A HB   1 c 
ATOM   57 H HG11 . VAL A 1 5 ? -2.068 -6.886 -1.048 0.500 8.531  0 5   VAL A HG11 1 c 
ATOM   58 H HG12 . VAL A 1 5 ? -1.000 -7.999 -1.429 0.500 8.629  0 5   VAL A HG12 1 c 
ATOM   59 H HG13 . VAL A 1 5 ? -1.462 -6.938 -2.516 0.500 8.778  0 5   VAL A HG13 1 c 
ATOM   60 H HG21 . VAL A 1 5 ? 1.057  -6.377 -2.807 0.500 7.187  0 5   VAL A HG21 1 c 
ATOM   61 H HG22 . VAL A 1 5 ? 1.359  -7.459 -1.683 0.500 7.073  0 5   VAL A HG22 1 c 
ATOM   62 H HG23 . VAL A 1 5 ? 1.875  -5.966 -1.510 0.500 7.260  0 5   VAL A HG23 1 c 
ATOM   63 N N    . VAL A 1 6 ? -1.756 -4.231 0.702  0.500 7.557  0 6   VAL A N    1 ? 
ATOM   64 C CA   . VAL A 1 6 ? -2.927 -3.938 1.532  0.500 5.982  0 6   VAL A CA   1 ? 
ATOM   65 C C    . VAL A 1 6 ? -2.621 -2.731 2.417  0.500 6.074  0 6   VAL A C    1 ? 
ATOM   66 O O    . VAL A 1 6 ? -1.707 -2.732 3.262  0.500 8.692  0 6   VAL A O    1 ? 
ATOM   67 C CB   . VAL A 1 6 ? -3.340 -5.129 2.411  0.500 6.785  0 6   VAL A CB   1 ? 
ATOM   68 C CG1  . VAL A 1 6 ? -4.547 -4.811 3.292  0.500 7.079  0 6   VAL A CG1  1 ? 
ATOM   69 C CG2  . VAL A 1 6 ? -3.591 -6.369 1.592  0.500 6.311  0 6   VAL A CG2  1 ? 
ATOM   70 H H    . VAL A 1 6 ? -0.863 -4.371 1.161  0.500 7.841  0 6   VAL A H    1 c 
ATOM   71 H HA   . VAL A 1 6 ? -3.671 -3.712 0.946  0.500 5.881  0 6   VAL A HA   1 c 
ATOM   72 H HB   . VAL A 1 6 ? -2.579 -5.323 3.013  0.500 6.812  0 6   VAL A HB   1 c 
ATOM   73 H HG11 . VAL A 1 6 ? -4.284 -4.190 3.994  0.500 7.080  0 6   VAL A HG11 1 c 
ATOM   74 H HG12 . VAL A 1 6 ? -4.881 -5.632 3.696  0.500 7.064  0 6   VAL A HG12 1 c 
ATOM   75 H HG13 . VAL A 1 6 ? -5.249 -4.409 2.751  0.500 7.000  0 6   VAL A HG13 1 c 
ATOM   76 H HG21 . VAL A 1 6 ? -4.098 -6.136 0.796  0.500 6.492  0 6   VAL A HG21 1 c 
ATOM   77 H HG22 . VAL A 1 6 ? -4.096 -7.012 2.119  0.500 6.314  0 6   VAL A HG22 1 c 
ATOM   78 H HG23 . VAL A 1 6 ? -2.740 -6.764 1.331  0.500 6.395  0 6   VAL A HG23 1 c 
ATOM   79 N N    . GLY A 1 7 ? -3.422 -1.700 2.256  0.500 5.561  0 7   GLY A N    1 ? 
ATOM   80 C CA   . GLY A 1 7 ? -3.278 -0.480 3.028  0.500 5.014  0 7   GLY A CA   1 ? 
ATOM   81 C C    . GLY A 1 7 ? -2.085 0.339  2.559  0.500 6.452  0 7   GLY A C    1 ? 
ATOM   82 O O    . GLY A 1 7 ? -1.760 0.350  1.377  0.500 6.483  0 7   GLY A O    1 ? 
ATOM   83 H H    . GLY A 1 7 ? -4.162 -1.754 1.569  0.500 5.251  0 7   GLY A H    1 c 
ATOM   84 H HA2  . GLY A 1 7 ? -4.104 0.060  2.940  0.500 5.200  0 7   GLY A HA2  1 c 
ATOM   85 H HA3  . GLY A 1 7 ? -3.161 -0.716 3.983  0.500 5.105  0 7   GLY A HA3  1 c 
ATOM   86 N N    . GLY A 1 8 ? -1.466 1.066  3.487  0.500 5.951  0 8   GLY A N    1 ? 
ATOM   87 C CA   . GLY A 1 8 ? -0.375 1.960  3.139  0.500 5.734  0 8   GLY A CA   1 ? 
ATOM   88 C C    . GLY A 1 8 ? -0.852 3.150  2.313  0.500 6.426  0 8   GLY A C    1 ? 
ATOM   89 O O    . GLY A 1 8 ? -1.995 3.597  2.425  0.500 5.132  0 8   GLY A O    1 ? 
ATOM   90 H H    . GLY A 1 8 ? -1.755 0.997  4.453  0.500 5.930  0 8   GLY A H    1 c 
ATOM   91 H HA2  . GLY A 1 8 ? 0.050  2.288  3.970  0.500 5.937  0 8   GLY A HA2  1 c 
ATOM   92 H HA3  . GLY A 1 8 ? 0.303  1.454  2.624  0.500 5.842  0 8   GLY A HA3  1 c 
HETATM 93 O O    A HOH B 2 . ? 1.017  -1.815 1.481  0.500 21.421 0 101 HOH A O    1 ? 
HETATM 94 O O    B HOH B 2 . ? 1.941  1.514  0.786  0.500 16.090 0 101 HOH A O    1 ? 
# 
loop_
_atom_site_anisotrop.id 
_atom_site_anisotrop.type_symbol 
_atom_site_anisotrop.pdbx_label_atom_id 
_atom_site_anisotrop.pdbx_label_alt_id 
_atom_site_anisotrop.pdbx_label_comp_id 
_atom_site_anisotrop.pdbx_label_asym_id 
_atom_site_anisotrop.pdbx_label_seq_id 
_atom_site_anisotrop.pdbx_PDB_ins_code 
_atom_site_anisotrop.U[1][1] 
_atom_site_anisotrop.U[2][2] 
_atom_site_anisotrop.U[3][3] 
_atom_site_anisotrop.U[1][2] 
_atom_site_anisotrop.U[1][3] 
_atom_site_anisotrop.U[2][3] 
_atom_site_anisotrop.pdbx_auth_seq_id 
_atom_site_anisotrop.pdbx_auth_comp_id 
_atom_site_anisotrop.pdbx_auth_asym_id 
_atom_site_anisotrop.pdbx_auth_atom_id 
1  N N    . VAL A 1 ? 0.0519 0.1030 0.0671 0.0227  -0.0281 -0.0094 1   VAL A N    
2  C CA   . VAL A 1 ? 0.0669 0.1018 0.0543 0.0165  -0.0079 -0.0052 1   VAL A CA   
3  C C    . VAL A 1 ? 0.1328 0.1113 0.0649 -0.0098 0.0143  -0.0203 1   VAL A C    
4  O O    . VAL A 1 ? 0.1737 0.1885 0.0678 0.0267  0.0053  -0.0182 1   VAL A O    
5  C CB   . VAL A 1 ? 0.0897 0.1094 0.0679 0.0079  -0.0012 -0.0148 1   VAL A CB   
6  C CG1  . VAL A 1 ? 0.1358 0.1222 0.0750 -0.0030 0.0145  0.0075  1   VAL A CG1  
7  C CG2  . VAL A 1 ? 0.0888 0.1134 0.0678 -0.0030 -0.0050 -0.0268 1   VAL A CG2  
8  H H1   . VAL A 1 ? 0.0519 0.1029 0.0703 0.0224  -0.0243 -0.0041 1   VAL A H1   
9  H HA   . VAL A 1 ? 0.0675 0.1056 0.0630 0.0135  -0.0065 -0.0095 1   VAL A HA   
10 H HB   . VAL A 1 ? 0.0898 0.1102 0.0680 0.0063  0.0000  -0.0116 1   VAL A HB   
11 H HG11 . VAL A 1 ? 0.1255 0.1209 0.0726 -0.0001 0.0074  0.0015  1   VAL A HG11 
12 H HG12 . VAL A 1 ? 0.1252 0.1248 0.0720 0.0041  0.0101  0.0027  1   VAL A HG12 
13 H HG13 . VAL A 1 ? 0.1372 0.1202 0.0715 -0.0004 0.0102  0.0003  1   VAL A HG13 
14 H HG21 . VAL A 1 ? 0.0894 0.1126 0.0699 0.0001  -0.0027 -0.0235 1   VAL A HG21 
15 H HG22 . VAL A 1 ? 0.0882 0.1097 0.0681 -0.0012 -0.0037 -0.0243 1   VAL A HG22 
16 H HG23 . VAL A 1 ? 0.0905 0.1147 0.0698 -0.0003 -0.0027 -0.0248 1   VAL A HG23 
17 N N    . VAL A 2 ? 0.1332 0.0682 0.0965 -0.0101 0.0382  -0.0078 2   VAL A N    
18 C CA   . VAL A 2 ? 0.0798 0.0861 0.0672 -0.0021 -0.0074 -0.0148 2   VAL A CA   
19 C C    . VAL A 2 ? 0.0836 0.1008 0.0776 0.0138  -0.0052 -0.0037 2   VAL A C    
20 O O    . VAL A 2 ? 0.0880 0.1265 0.0895 0.0153  -0.0321 -0.0388 2   VAL A O    
21 C CB   . VAL A 2 ? 0.0915 0.0916 0.0759 -0.0063 0.0158  -0.0257 2   VAL A CB   
22 C CG1  . VAL A 2 ? 0.1110 0.0898 0.0662 -0.0097 0.0072  -0.0300 2   VAL A CG1  
23 C CG2  . VAL A 2 ? 0.0983 0.0806 0.0531 -0.0134 0.0211  -0.0031 2   VAL A CG2  
24 H H    . VAL A 2 ? 0.1292 0.0832 0.0986 -0.0111 0.0340  -0.0166 2   VAL A H    
25 H HA   . VAL A 2 ? 0.0799 0.0880 0.0661 0.0004  -0.0060 -0.0124 2   VAL A HA   
26 H HB   . VAL A 2 ? 0.0982 0.0876 0.0712 -0.0087 0.0147  -0.0204 2   VAL A HB   
27 H HG11 . VAL A 2 ? 0.1048 0.0932 0.0699 -0.0092 0.0096  -0.0278 2   VAL A HG11 
28 H HG12 . VAL A 2 ? 0.1053 0.0939 0.0699 -0.0080 0.0094  -0.0291 2   VAL A HG12 
29 H HG13 . VAL A 2 ? 0.1042 0.0915 0.0693 -0.0089 0.0091  -0.0283 2   VAL A HG13 
30 H HG21 . VAL A 2 ? 0.0947 0.0849 0.0584 -0.0125 0.0199  -0.0080 2   VAL A HG21 
31 H HG22 . VAL A 2 ? 0.0940 0.0841 0.0580 -0.0135 0.0205  -0.0071 2   VAL A HG22 
32 H HG23 . VAL A 2 ? 0.0958 0.0862 0.0550 -0.0131 0.0208  -0.0070 2   VAL A HG23 
33 N N    . GLY A 3 ? 0.0779 0.1013 0.0668 -0.0014 -0.0063 0.0099  3   GLY A N    
34 C CA   . GLY A 3 ? 0.0450 0.1086 0.0694 -0.0102 0.0171  -0.0205 3   GLY A CA   
35 C C    . GLY A 3 ? 0.0764 0.0912 0.1024 0.0029  0.0135  0.0002  3   GLY A C    
36 O O    . GLY A 3 ? 0.0751 0.0940 0.0859 0.0147  0.0079  0.0111  3   GLY A O    
37 H H    . GLY A 3 ? 0.0675 0.1017 0.0688 0.0021  -0.0022 0.0015  3   GLY A H    
38 H HA2  . GLY A 3 ? 0.0579 0.1031 0.0679 -0.0084 0.0094  -0.0127 3   GLY A HA2  
39 H HA3  . GLY A 3 ? 0.0453 0.1039 0.0758 -0.0078 0.0128  -0.0105 3   GLY A HA3  
40 N N    . GLY A 4 ? 0.0584 0.1022 0.0824 0.0046  0.0079  -0.0043 4   GLY A N    
41 C CA   . GLY A 4 ? 0.0574 0.1032 0.0653 0.0048  -0.0133 -0.0002 4   GLY A CA   
42 C C    . GLY A 4 ? 0.0701 0.1147 0.0662 0.0087  -0.0373 0.0026  4   GLY A C    
43 O O    . GLY A 4 ? 0.0507 0.0881 0.0603 0.0076  -0.0263 0.0120  4   GLY A O    
44 H H    . GLY A 4 ? 0.0568 0.1002 0.0839 0.0048  0.0069  -0.0004 4   GLY A H    
45 H HA2  . GLY A 4 ? 0.0598 0.1049 0.0702 0.0065  -0.0132 0.0002  4   GLY A HA2  
46 H HA3  . GLY A 4 ? 0.0605 0.1052 0.0662 0.0053  -0.0136 -0.0014 4   GLY A HA3  
47 N N    . VAL A 5 ? 0.0742 0.1049 0.0519 0.0252  -0.0238 -0.0067 5   VAL A N    
48 C CA   . VAL A 5 ? 0.0646 0.1061 0.0663 0.0156  0.0006  -0.0086 5   VAL A CA   
49 C C    . VAL A 5 ? 0.0987 0.1091 0.1242 0.0237  0.0415  -0.0039 5   VAL A C    
50 O O    . VAL A 5 ? 0.1085 0.1774 0.1351 0.0276  0.0303  -0.0478 5   VAL A O    
51 C CB   . VAL A 5 ? 0.0763 0.1089 0.0878 0.0204  0.0079  -0.0058 5   VAL A CB   
52 C CG1  . VAL A 5 ? 0.0769 0.1275 0.1346 -0.0017 0.0252  0.0011  5   VAL A CG1  
53 C CG2  . VAL A 5 ? 0.0801 0.1003 0.0915 0.0328  0.0063  0.0038  5   VAL A CG2  
54 H H    . VAL A 5 ? 0.0730 0.1080 0.0511 0.0178  -0.0236 -0.0066 5   VAL A H    
55 H HA   . VAL A 5 ? 0.0771 0.1075 0.0663 0.0189  0.0029  -0.0064 5   VAL A HA   
56 H HB   . VAL A 5 ? 0.0757 0.1092 0.0881 0.0179  0.0091  -0.0031 5   VAL A HB   
57 H HG11 . VAL A 5 ? 0.0760 0.1234 0.1246 0.0052  0.0180  -0.0010 5   VAL A HG11 
58 H HG12 . VAL A 5 ? 0.0760 0.1295 0.1225 0.0041  0.0199  -0.0042 5   VAL A HG12 
59 H HG13 . VAL A 5 ? 0.0759 0.1229 0.1342 0.0055  0.0225  -0.0046 5   VAL A HG13 
60 H HG21 . VAL A 5 ? 0.0807 0.1033 0.0900 0.0285  0.0081  0.0013  5   VAL A HG21 
61 H HG22 . VAL A 5 ? 0.0787 0.0986 0.0907 0.0299  0.0074  0.0016  5   VAL A HG22 
62 H HG23 . VAL A 5 ? 0.0812 0.1037 0.0911 0.0297  0.0088  0.0018  5   VAL A HG23 
63 N N    . VAL A 6 ? 0.0956 0.0735 0.1179 -0.0059 0.0400  -0.0075 6   VAL A N    
64 C CA   . VAL A 6 ? 0.0637 0.0848 0.0785 0.0130  0.0008  0.0005  6   VAL A CA   
65 C C    . VAL A 6 ? 0.0686 0.1010 0.0614 0.0019  0.0026  0.0020  6   VAL A C    
66 O O    . VAL A 6 ? 0.1176 0.1400 0.0734 0.0073  -0.0320 -0.0100 6   VAL A O    
67 C CB   . VAL A 6 ? 0.0949 0.0798 0.0843 0.0220  0.0260  -0.0050 6   VAL A CB   
68 C CG1  . VAL A 6 ? 0.0867 0.0749 0.1064 0.0306  0.0250  -0.0068 6   VAL A CG1  
69 C CG2  . VAL A 6 ? 0.0676 0.0825 0.0909 0.0026  0.0361  -0.0048 6   VAL A CG2  
70 H H    . VAL A 6 ? 0.1003 0.0830 0.1147 0.0018  0.0386  -0.0058 6   VAL A H    
71 H HA   . VAL A 6 ? 0.0637 0.0849 0.0754 0.0128  0.0032  0.0012  6   VAL A HA   
72 H HB   . VAL A 6 ? 0.0860 0.0809 0.0920 0.0165  0.0264  -0.0048 6   VAL A HB   
73 H HG11 . VAL A 6 ? 0.0892 0.0774 0.1013 0.0287  0.0256  -0.0052 6   VAL A HG11 
74 H HG12 . VAL A 6 ? 0.0901 0.0790 0.1000 0.0292  0.0256  -0.0061 6   VAL A HG12 
75 H HG13 . VAL A 6 ? 0.0892 0.0773 0.0995 0.0286  0.0253  -0.0056 6   VAL A HG13 
76 H HG21 . VAL A 6 ? 0.0761 0.0813 0.0896 0.0078  0.0352  -0.0047 6   VAL A HG21 
77 H HG22 . VAL A 6 ? 0.0729 0.0801 0.0870 0.0060  0.0362  -0.0023 6   VAL A HG22 
78 H HG23 . VAL A 6 ? 0.0723 0.0809 0.0898 0.0083  0.0346  -0.0033 6   VAL A HG23 
79 N N    . GLY A 7 ? 0.0646 0.0928 0.0545 -0.0054 -0.0142 0.0031  7   GLY A N    
80 C CA   . GLY A 7 ? 0.0834 0.0843 0.0223 0.0172  0.0084  0.0082  7   GLY A CA   
81 C C    . GLY A 7 ? 0.0951 0.0865 0.0634 -0.0033 -0.0006 -0.0015 7   GLY A C    
82 O O    . GLY A 7 ? 0.0815 0.1022 0.0633 -0.0088 -0.0020 -0.0070 7   GLY A O    
83 H H    . GLY A 7 ? 0.0643 0.0919 0.0438 0.0035  -0.0097 0.0058  7   GLY A H    
84 H HA2  . GLY A 7 ? 0.0772 0.0846 0.0362 0.0114  0.0009  0.0065  7   GLY A HA2  
85 H HA3  . GLY A 7 ? 0.0830 0.0850 0.0250 0.0086  0.0016  0.0103  7   GLY A HA3  
86 N N    . GLY A 8 ? 0.0829 0.0924 0.0508 0.0111  -0.0040 0.0004  8   GLY A N    
87 C CA   . GLY A 8 ? 0.0643 0.0949 0.0579 0.0154  -0.0144 0.0038  8   GLY A CA   
88 C C    . GLY A 8 ? 0.0605 0.1059 0.0775 0.0198  -0.0327 0.0078  8   GLY A C    
89 O O    . GLY A 8 ? 0.0510 0.0883 0.0558 0.0047  -0.0296 0.0059  8   GLY A O    
90 H H    . GLY A 8 ? 0.0821 0.0924 0.0505 0.0078  -0.0049 0.0024  8   GLY A H    
91 H HA2  . GLY A 8 ? 0.0694 0.0968 0.0598 0.0143  -0.0155 0.0035  8   GLY A HA2  
92 H HA3  . GLY A 8 ? 0.0660 0.0951 0.0609 0.0166  -0.0146 0.0026  8   GLY A HA3  
93 O O    A HOH B . ? 0.3688 0.3301 0.1152 0.1179  0.1760  -0.0239 101 HOH A O    
94 O O    B HOH B . ? 0.2085 0.1397 0.2628 0.0191  0.1000  0.0953  101 HOH A O    
# 
